data_1ECS
#
_entry.id   1ECS
#
_cell.length_a   81.330
_cell.length_b   85.030
_cell.length_c   78.820
_cell.angle_alpha   90.00
_cell.angle_beta   90.00
_cell.angle_gamma   90.00
#
_symmetry.space_group_name_H-M   'C 2 2 21'
#
loop_
_entity.id
_entity.type
_entity.pdbx_description
1 polymer 'BLEOMYCIN RESISTANCE PROTEIN'
2 non-polymer 'CALCIUM ION'
3 non-polymer 'TETRAETHYLENE GLYCOL'
4 water water
#
_entity_poly.entity_id   1
_entity_poly.type   'polypeptide(L)'
_entity_poly.pdbx_seq_one_letter_code
;MTDQATPNLPSRDFDSTAAFYERLGFGIVFRDAGWMILQRGDLMLEFFAHPGLDPLASWFSCCLRLDDLAEFYRQCKSVG
IQETSSGYPRIHAPELQGWGGTMAALVDPDGTLLRLIQNELLAGIS
;
_entity_poly.pdbx_strand_id   A,B
#
loop_
_chem_comp.id
_chem_comp.type
_chem_comp.name
_chem_comp.formula
CA non-polymer 'CALCIUM ION' 'Ca 2'
PG4 non-polymer 'TETRAETHYLENE GLYCOL' 'C8 H18 O5'
#
# COMPACT_ATOMS: atom_id res chain seq x y z
N THR A 2 11.62 11.83 -5.46
CA THR A 2 11.12 11.74 -4.10
C THR A 2 10.87 10.28 -3.76
N ASP A 3 11.23 9.84 -2.55
CA ASP A 3 10.90 8.49 -2.11
C ASP A 3 9.40 8.30 -1.92
N GLN A 4 8.87 7.16 -2.37
CA GLN A 4 7.44 6.99 -2.06
C GLN A 4 7.10 5.51 -1.95
N ALA A 5 6.25 5.18 -0.96
CA ALA A 5 5.77 3.82 -0.83
C ALA A 5 4.38 3.74 -1.45
N THR A 6 4.10 2.74 -2.25
CA THR A 6 2.74 2.73 -2.82
C THR A 6 2.08 1.42 -2.48
N PRO A 7 0.77 1.43 -2.31
CA PRO A 7 0.04 0.19 -2.13
C PRO A 7 0.08 -0.63 -3.43
N ASN A 8 -0.06 -1.92 -3.28
CA ASN A 8 -0.22 -2.87 -4.38
C ASN A 8 -1.53 -3.60 -4.11
N LEU A 9 -2.53 -3.38 -4.95
CA LEU A 9 -3.89 -3.87 -4.69
C LEU A 9 -4.29 -4.84 -5.79
N PRO A 10 -5.19 -5.74 -5.49
CA PRO A 10 -5.59 -6.79 -6.45
C PRO A 10 -6.65 -6.26 -7.40
N SER A 11 -6.71 -6.82 -8.60
CA SER A 11 -7.79 -6.49 -9.53
C SER A 11 -8.19 -7.79 -10.25
N ARG A 12 -9.46 -8.17 -10.29
CA ARG A 12 -9.85 -9.29 -11.14
C ARG A 12 -9.94 -8.85 -12.60
N ASP A 13 -10.06 -7.57 -12.86
CA ASP A 13 -10.22 -7.08 -14.24
C ASP A 13 -9.76 -5.64 -14.34
N PHE A 14 -8.63 -5.37 -15.01
CA PHE A 14 -8.11 -4.02 -15.05
C PHE A 14 -9.09 -3.04 -15.68
N ASP A 15 -9.87 -3.52 -16.66
CA ASP A 15 -10.83 -2.58 -17.26
C ASP A 15 -11.86 -2.10 -16.23
N SER A 16 -12.40 -2.99 -15.41
CA SER A 16 -13.41 -2.57 -14.43
C SER A 16 -12.76 -1.69 -13.37
N THR A 17 -11.56 -2.08 -12.96
CA THR A 17 -10.83 -1.21 -12.02
C THR A 17 -10.56 0.16 -12.61
N ALA A 18 -9.97 0.26 -13.80
CA ALA A 18 -9.70 1.58 -14.36
C ALA A 18 -10.98 2.40 -14.51
N ALA A 19 -12.07 1.78 -14.95
CA ALA A 19 -13.30 2.53 -15.14
C ALA A 19 -13.89 3.08 -13.85
N PHE A 20 -13.79 2.29 -12.78
CA PHE A 20 -14.25 2.75 -11.48
C PHE A 20 -13.40 3.92 -11.01
N TYR A 21 -12.08 3.78 -10.95
CA TYR A 21 -11.28 4.88 -10.41
C TYR A 21 -11.27 6.09 -11.32
N GLU A 22 -11.48 5.90 -12.61
CA GLU A 22 -11.54 7.08 -13.48
C GLU A 22 -12.66 8.03 -13.07
N ARG A 23 -13.83 7.52 -12.64
CA ARG A 23 -14.87 8.42 -12.17
C ARG A 23 -14.40 9.23 -10.95
N LEU A 24 -13.38 8.78 -10.26
CA LEU A 24 -12.93 9.52 -9.08
C LEU A 24 -11.71 10.38 -9.37
N GLY A 25 -11.37 10.53 -10.65
CA GLY A 25 -10.31 11.41 -11.07
C GLY A 25 -8.98 10.75 -11.32
N PHE A 26 -8.93 9.41 -11.29
CA PHE A 26 -7.60 8.81 -11.44
C PHE A 26 -7.33 8.53 -12.93
N GLY A 27 -6.13 8.73 -13.43
CA GLY A 27 -5.82 8.34 -14.80
C GLY A 27 -4.85 7.17 -14.87
N ILE A 28 -4.80 6.48 -16.01
CA ILE A 28 -3.81 5.41 -16.17
C ILE A 28 -2.45 6.00 -16.53
N VAL A 29 -1.41 5.60 -15.83
CA VAL A 29 -0.04 6.04 -16.03
C VAL A 29 0.74 4.91 -16.69
N PHE A 30 0.30 3.69 -16.37
CA PHE A 30 0.98 2.50 -16.88
C PHE A 30 0.05 1.30 -16.82
N ARG A 31 0.09 0.46 -17.87
CA ARG A 31 -0.68 -0.76 -17.86
C ARG A 31 0.00 -1.82 -18.73
N ASP A 32 0.18 -3.03 -18.20
CA ASP A 32 0.56 -4.14 -19.09
C ASP A 32 -0.32 -5.32 -18.71
N ALA A 33 0.05 -6.52 -19.13
CA ALA A 33 -0.82 -7.66 -18.87
C ALA A 33 -0.97 -8.00 -17.39
N GLY A 34 -0.01 -7.65 -16.54
CA GLY A 34 -0.10 -8.11 -15.16
C GLY A 34 -0.06 -6.97 -14.16
N TRP A 35 0.15 -5.73 -14.56
CA TRP A 35 0.33 -4.62 -13.63
C TRP A 35 -0.35 -3.36 -14.12
N MET A 36 -0.92 -2.52 -13.27
CA MET A 36 -1.48 -1.27 -13.75
C MET A 36 -1.28 -0.16 -12.72
N ILE A 37 -0.97 1.05 -13.14
CA ILE A 37 -0.74 2.12 -12.17
C ILE A 37 -1.72 3.25 -12.45
N LEU A 38 -2.46 3.69 -11.41
CA LEU A 38 -3.38 4.80 -11.55
C LEU A 38 -2.88 5.98 -10.70
N GLN A 39 -3.18 7.18 -11.17
CA GLN A 39 -2.72 8.38 -10.50
C GLN A 39 -3.81 9.45 -10.46
N ARG A 40 -3.87 10.15 -9.34
CA ARG A 40 -4.75 11.30 -9.16
C ARG A 40 -3.98 12.34 -8.37
N GLY A 41 -3.41 13.35 -9.03
CA GLY A 41 -2.49 14.25 -8.35
C GLY A 41 -1.38 13.48 -7.68
N ASP A 42 -1.24 13.59 -6.35
CA ASP A 42 -0.13 12.92 -5.68
C ASP A 42 -0.50 11.52 -5.22
N LEU A 43 -1.74 11.10 -5.50
CA LEU A 43 -2.13 9.76 -5.07
C LEU A 43 -1.69 8.75 -6.16
N MET A 44 -0.98 7.71 -5.80
CA MET A 44 -0.54 6.68 -6.73
C MET A 44 -0.97 5.33 -6.19
N LEU A 45 -1.73 4.59 -7.01
CA LEU A 45 -2.15 3.24 -6.64
C LEU A 45 -1.68 2.23 -7.69
N GLU A 46 -1.12 1.13 -7.26
CA GLU A 46 -0.68 0.10 -8.20
C GLU A 46 -1.55 -1.13 -8.02
N PHE A 47 -1.89 -1.80 -9.13
CA PHE A 47 -2.72 -2.99 -9.14
C PHE A 47 -2.02 -4.16 -9.81
N PHE A 48 -2.23 -5.35 -9.26
CA PHE A 48 -1.67 -6.54 -9.88
C PHE A 48 -2.86 -7.41 -10.28
N ALA A 49 -2.68 -8.22 -11.33
CA ALA A 49 -3.77 -9.10 -11.74
C ALA A 49 -3.94 -10.22 -10.73
N HIS A 50 -5.16 -10.42 -10.26
CA HIS A 50 -5.41 -11.48 -9.28
C HIS A 50 -6.76 -12.10 -9.61
N PRO A 51 -6.85 -12.85 -10.71
CA PRO A 51 -8.16 -13.36 -11.13
C PRO A 51 -8.77 -14.33 -10.14
N GLY A 52 -8.02 -14.91 -9.21
CA GLY A 52 -8.66 -15.85 -8.31
C GLY A 52 -9.16 -15.19 -7.04
N LEU A 53 -9.11 -13.86 -6.96
CA LEU A 53 -9.50 -13.20 -5.72
C LEU A 53 -10.98 -13.36 -5.39
N ASP A 54 -11.33 -13.56 -4.13
CA ASP A 54 -12.72 -13.49 -3.69
C ASP A 54 -12.97 -12.15 -3.00
N PRO A 55 -13.71 -11.25 -3.63
CA PRO A 55 -13.88 -9.91 -3.06
C PRO A 55 -14.56 -9.89 -1.69
N LEU A 56 -15.29 -10.92 -1.32
CA LEU A 56 -16.00 -10.98 -0.05
C LEU A 56 -15.13 -11.54 1.08
N ALA A 57 -13.96 -12.08 0.75
CA ALA A 57 -13.08 -12.59 1.79
C ALA A 57 -11.76 -11.84 1.77
N SER A 58 -11.78 -10.56 1.41
CA SER A 58 -10.51 -9.89 1.14
C SER A 58 -9.92 -9.28 2.41
N TRP A 59 -8.61 -9.41 2.55
CA TRP A 59 -7.86 -8.69 3.57
C TRP A 59 -7.10 -7.49 3.01
N PHE A 60 -7.33 -7.12 1.75
CA PHE A 60 -6.60 -6.00 1.18
C PHE A 60 -7.17 -4.64 1.53
N SER A 61 -6.27 -3.71 1.89
CA SER A 61 -6.70 -2.34 2.14
C SER A 61 -5.52 -1.40 1.99
N CYS A 62 -5.81 -0.10 1.96
CA CYS A 62 -4.74 0.89 1.96
C CYS A 62 -5.32 2.14 2.60
N CYS A 63 -4.52 3.16 2.89
CA CYS A 63 -5.09 4.42 3.34
C CYS A 63 -4.96 5.51 2.29
N LEU A 64 -6.00 6.34 2.17
CA LEU A 64 -5.88 7.59 1.45
C LEU A 64 -5.93 8.73 2.49
N ARG A 65 -4.79 9.36 2.71
CA ARG A 65 -4.65 10.48 3.65
C ARG A 65 -4.70 11.76 2.80
N LEU A 66 -5.83 12.41 2.92
CA LEU A 66 -6.33 13.45 2.06
C LEU A 66 -6.37 14.82 2.75
N ASP A 67 -5.87 15.82 2.03
CA ASP A 67 -5.96 17.24 2.42
C ASP A 67 -7.41 17.68 2.50
N ASP A 68 -8.26 17.16 1.63
CA ASP A 68 -9.69 17.49 1.70
C ASP A 68 -10.56 16.26 1.52
N LEU A 69 -10.83 15.61 2.63
CA LEU A 69 -11.65 14.41 2.65
C LEU A 69 -13.08 14.68 2.20
N ALA A 70 -13.62 15.80 2.68
CA ALA A 70 -14.99 16.19 2.37
C ALA A 70 -15.26 16.21 0.87
N GLU A 71 -14.38 16.87 0.14
CA GLU A 71 -14.43 16.95 -1.32
C GLU A 71 -14.39 15.56 -1.93
N PHE A 72 -13.46 14.72 -1.47
CA PHE A 72 -13.34 13.38 -2.04
C PHE A 72 -14.62 12.59 -1.80
N TYR A 73 -15.12 12.68 -0.57
CA TYR A 73 -16.33 11.96 -0.22
C TYR A 73 -17.53 12.43 -1.06
N ARG A 74 -17.56 13.73 -1.32
CA ARG A 74 -18.59 14.35 -2.17
C ARG A 74 -18.48 13.81 -3.59
N GLN A 75 -17.26 13.58 -4.06
CA GLN A 75 -17.14 13.05 -5.42
C GLN A 75 -17.60 11.59 -5.48
N CYS A 76 -17.33 10.75 -4.50
CA CYS A 76 -17.83 9.39 -4.48
C CYS A 76 -19.35 9.27 -4.57
N LYS A 77 -20.07 10.05 -3.78
CA LYS A 77 -21.51 10.03 -3.74
C LYS A 77 -22.08 10.50 -5.07
N SER A 78 -21.46 11.55 -5.59
CA SER A 78 -21.92 12.18 -6.83
C SER A 78 -21.74 11.27 -8.04
N VAL A 79 -20.92 10.23 -7.95
CA VAL A 79 -20.86 9.35 -9.14
C VAL A 79 -21.70 8.12 -8.87
N GLY A 80 -22.46 8.15 -7.77
CA GLY A 80 -23.38 7.07 -7.51
C GLY A 80 -22.85 5.88 -6.76
N ILE A 81 -21.77 5.99 -6.00
CA ILE A 81 -21.42 4.81 -5.18
C ILE A 81 -22.33 4.74 -3.97
N GLN A 82 -22.94 3.58 -3.72
CA GLN A 82 -23.94 3.54 -2.67
C GLN A 82 -23.34 3.57 -1.27
N GLU A 83 -24.08 4.26 -0.41
CA GLU A 83 -23.77 4.28 1.01
C GLU A 83 -24.63 3.23 1.70
N THR A 84 -24.05 2.06 1.90
CA THR A 84 -24.72 0.90 2.47
C THR A 84 -23.77 0.13 3.38
N SER A 85 -24.25 -0.93 4.02
CA SER A 85 -23.37 -1.58 5.00
C SER A 85 -22.81 -2.89 4.47
N SER A 86 -23.25 -3.37 3.32
CA SER A 86 -22.57 -4.56 2.80
C SER A 86 -22.53 -4.52 1.28
N GLY A 87 -21.82 -5.48 0.68
CA GLY A 87 -21.76 -5.46 -0.80
C GLY A 87 -20.65 -4.52 -1.23
N TYR A 88 -20.32 -4.58 -2.51
CA TYR A 88 -19.23 -3.76 -3.07
C TYR A 88 -19.57 -3.38 -4.50
N PRO A 89 -19.10 -2.23 -4.97
CA PRO A 89 -18.40 -1.25 -4.15
C PRO A 89 -19.36 -0.47 -3.25
N ARG A 90 -18.82 0.19 -2.22
CA ARG A 90 -19.73 0.95 -1.36
C ARG A 90 -18.94 2.05 -0.67
N ILE A 91 -19.62 2.99 -0.02
CA ILE A 91 -18.96 4.01 0.82
C ILE A 91 -19.60 4.02 2.21
N HIS A 92 -18.82 4.37 3.22
CA HIS A 92 -19.08 4.63 4.61
C HIS A 92 -18.73 6.09 4.91
N ALA A 93 -19.67 6.88 5.41
CA ALA A 93 -19.57 8.32 5.58
C ALA A 93 -18.51 8.70 6.60
N PRO A 94 -17.95 9.90 6.48
CA PRO A 94 -16.90 10.33 7.42
C PRO A 94 -17.41 10.24 8.85
N GLU A 95 -16.57 9.69 9.71
CA GLU A 95 -16.90 9.37 11.10
C GLU A 95 -15.80 9.87 12.03
N LEU A 96 -16.10 10.76 12.96
CA LEU A 96 -15.07 11.16 13.91
C LEU A 96 -14.56 9.90 14.63
N GLN A 97 -13.27 9.68 14.46
CA GLN A 97 -12.61 8.45 14.84
C GLN A 97 -11.96 8.53 16.21
N GLY A 98 -11.40 7.39 16.61
CA GLY A 98 -10.69 7.28 17.86
C GLY A 98 -9.27 7.80 17.78
N TRP A 99 -9.06 9.01 17.26
CA TRP A 99 -7.78 9.69 17.27
C TRP A 99 -7.99 11.21 17.19
N GLY A 100 -9.25 11.63 17.10
CA GLY A 100 -9.60 13.03 16.99
C GLY A 100 -9.86 13.42 15.53
N GLY A 101 -9.24 12.65 14.63
CA GLY A 101 -9.42 12.89 13.21
C GLY A 101 -10.70 12.26 12.69
N THR A 102 -11.00 12.51 11.42
CA THR A 102 -12.19 11.96 10.80
C THR A 102 -11.85 10.99 9.68
N MET A 103 -12.70 9.99 9.52
CA MET A 103 -12.46 8.89 8.60
C MET A 103 -13.74 8.42 7.91
N ALA A 104 -13.57 8.05 6.65
CA ALA A 104 -14.61 7.43 5.85
C ALA A 104 -14.02 6.16 5.25
N ALA A 105 -14.83 5.38 4.56
CA ALA A 105 -14.31 4.15 3.99
C ALA A 105 -14.90 3.96 2.58
N LEU A 106 -14.03 3.56 1.66
CA LEU A 106 -14.51 3.29 0.30
C LEU A 106 -14.23 1.82 0.02
N VAL A 107 -15.18 1.03 -0.45
CA VAL A 107 -14.88 -0.35 -0.85
C VAL A 107 -14.95 -0.38 -2.38
N ASP A 108 -13.95 -0.94 -3.06
CA ASP A 108 -13.84 -0.81 -4.53
C ASP A 108 -14.42 -2.03 -5.20
N PRO A 109 -14.49 -2.12 -6.53
CA PRO A 109 -15.10 -3.28 -7.18
C PRO A 109 -14.43 -4.61 -6.88
N ASP A 110 -13.31 -4.67 -6.18
CA ASP A 110 -12.73 -5.98 -5.86
C ASP A 110 -12.75 -6.23 -4.36
N GLY A 111 -13.52 -5.44 -3.61
CA GLY A 111 -13.66 -5.68 -2.18
C GLY A 111 -12.56 -4.98 -1.39
N THR A 112 -11.69 -4.22 -2.07
CA THR A 112 -10.56 -3.61 -1.34
C THR A 112 -11.05 -2.47 -0.48
N LEU A 113 -10.52 -2.34 0.75
CA LEU A 113 -10.99 -1.25 1.60
C LEU A 113 -10.03 -0.11 1.50
N LEU A 114 -10.48 1.06 1.08
CA LEU A 114 -9.63 2.22 1.12
C LEU A 114 -10.07 3.07 2.31
N ARG A 115 -9.19 3.16 3.31
CA ARG A 115 -9.59 4.02 4.45
C ARG A 115 -9.32 5.46 4.07
N LEU A 116 -10.33 6.31 4.19
CA LEU A 116 -10.20 7.70 3.78
C LEU A 116 -9.99 8.55 5.04
N ILE A 117 -8.86 9.23 5.10
CA ILE A 117 -8.58 9.95 6.35
C ILE A 117 -8.32 11.40 6.04
N GLN A 118 -8.85 12.31 6.86
CA GLN A 118 -8.56 13.75 6.71
C GLN A 118 -7.21 14.07 7.33
N ASN A 119 -6.30 14.64 6.54
CA ASN A 119 -5.03 15.02 7.14
C ASN A 119 -5.25 16.10 8.20
N GLU A 120 -4.35 16.20 9.16
CA GLU A 120 -4.32 17.20 10.22
C GLU A 120 -3.69 18.48 9.70
N LEU A 121 -4.44 19.51 9.35
CA LEU A 121 -3.79 20.66 8.71
C LEU A 121 -3.23 21.58 9.79
N THR B 2 -0.67 17.39 1.86
CA THR B 2 -0.39 16.64 0.63
C THR B 2 -1.09 15.30 0.64
N ASP B 3 -1.79 14.96 -0.44
CA ASP B 3 -2.48 13.69 -0.54
C ASP B 3 -1.49 12.54 -0.64
N GLN B 4 -1.79 11.43 0.03
CA GLN B 4 -0.87 10.30 -0.08
C GLN B 4 -1.59 8.99 0.20
N ALA B 5 -1.19 8.00 -0.63
CA ALA B 5 -1.78 6.68 -0.49
C ALA B 5 -0.73 5.83 0.20
N THR B 6 -1.12 5.11 1.26
CA THR B 6 -0.12 4.30 1.95
C THR B 6 -0.53 2.85 1.97
N PRO B 7 0.46 1.98 1.88
CA PRO B 7 0.26 0.56 2.00
C PRO B 7 -0.22 0.23 3.42
N ASN B 8 -0.97 -0.84 3.54
CA ASN B 8 -1.39 -1.41 4.81
C ASN B 8 -0.88 -2.85 4.83
N LEU B 9 0.05 -3.12 5.71
CA LEU B 9 0.75 -4.40 5.72
C LEU B 9 0.56 -5.16 7.03
N PRO B 10 0.56 -6.49 6.97
CA PRO B 10 0.30 -7.24 8.20
C PRO B 10 1.56 -7.35 9.05
N SER B 11 1.35 -7.48 10.35
CA SER B 11 2.41 -7.70 11.32
C SER B 11 1.95 -8.75 12.34
N ARG B 12 2.68 -9.85 12.47
CA ARG B 12 2.35 -10.85 13.48
C ARG B 12 2.78 -10.40 14.87
N ASP B 13 3.74 -9.50 14.95
CA ASP B 13 4.27 -8.95 16.20
C ASP B 13 4.84 -7.56 15.96
N PHE B 14 4.18 -6.53 16.48
CA PHE B 14 4.63 -5.16 16.31
C PHE B 14 6.04 -4.91 16.81
N ASP B 15 6.45 -5.42 17.98
CA ASP B 15 7.84 -5.23 18.39
C ASP B 15 8.86 -5.76 17.38
N SER B 16 8.67 -6.96 16.84
CA SER B 16 9.68 -7.49 15.91
C SER B 16 9.67 -6.73 14.58
N THR B 17 8.48 -6.35 14.14
CA THR B 17 8.40 -5.51 12.93
C THR B 17 9.09 -4.18 13.14
N ALA B 18 8.77 -3.46 14.22
CA ALA B 18 9.45 -2.18 14.47
C ALA B 18 10.96 -2.38 14.52
N ALA B 19 11.44 -3.43 15.18
CA ALA B 19 12.89 -3.63 15.34
C ALA B 19 13.54 -3.93 13.99
N PHE B 20 12.81 -4.68 13.16
CA PHE B 20 13.37 -4.96 11.83
C PHE B 20 13.52 -3.68 11.03
N TYR B 21 12.43 -2.91 10.91
CA TYR B 21 12.48 -1.74 10.05
C TYR B 21 13.28 -0.60 10.66
N GLU B 22 13.43 -0.62 11.99
CA GLU B 22 14.26 0.42 12.62
C GLU B 22 15.70 0.34 12.14
N ARG B 23 16.18 -0.88 11.89
CA ARG B 23 17.53 -0.99 11.36
C ARG B 23 17.66 -0.34 9.99
N LEU B 24 16.56 -0.19 9.27
CA LEU B 24 16.64 0.39 7.93
C LEU B 24 16.26 1.87 7.98
N GLY B 25 16.24 2.45 9.18
CA GLY B 25 16.00 3.89 9.25
C GLY B 25 14.56 4.29 9.45
N PHE B 26 13.64 3.34 9.59
CA PHE B 26 12.26 3.70 9.89
C PHE B 26 12.02 3.99 11.37
N GLY B 27 11.28 5.04 11.71
CA GLY B 27 10.97 5.26 13.13
C GLY B 27 9.47 5.11 13.29
N ILE B 28 9.01 4.87 14.52
CA ILE B 28 7.58 4.76 14.82
C ILE B 28 6.96 6.13 14.96
N VAL B 29 5.87 6.42 14.23
CA VAL B 29 5.30 7.75 14.46
C VAL B 29 3.91 7.62 15.05
N PHE B 30 3.39 6.40 15.00
CA PHE B 30 2.13 6.06 15.66
C PHE B 30 2.09 4.59 16.02
N ARG B 31 1.50 4.31 17.18
CA ARG B 31 1.33 2.93 17.57
C ARG B 31 0.22 2.81 18.61
N ASP B 32 -0.73 1.92 18.38
CA ASP B 32 -1.71 1.60 19.42
C ASP B 32 -1.87 0.10 19.47
N ALA B 33 -2.92 -0.46 20.09
CA ALA B 33 -2.88 -1.91 20.18
C ALA B 33 -3.02 -2.61 18.83
N GLY B 34 -3.61 -1.95 17.84
CA GLY B 34 -3.95 -2.63 16.60
C GLY B 34 -3.32 -2.04 15.36
N TRP B 35 -2.65 -0.90 15.48
CA TRP B 35 -2.14 -0.22 14.29
C TRP B 35 -0.77 0.37 14.57
N MET B 36 0.11 0.32 13.59
CA MET B 36 1.42 0.96 13.75
C MET B 36 1.84 1.67 12.46
N ILE B 37 2.36 2.88 12.57
CA ILE B 37 2.86 3.59 11.40
C ILE B 37 4.36 3.80 11.53
N LEU B 38 5.11 3.38 10.50
CA LEU B 38 6.57 3.61 10.49
C LEU B 38 6.91 4.61 9.39
N GLN B 39 7.91 5.42 9.62
CA GLN B 39 8.29 6.43 8.63
C GLN B 39 9.80 6.48 8.49
N ARG B 40 10.22 6.66 7.25
CA ARG B 40 11.61 6.92 6.91
C ARG B 40 11.59 8.04 5.85
N GLY B 41 11.76 9.27 6.27
CA GLY B 41 11.68 10.40 5.34
C GLY B 41 10.29 10.49 4.75
N ASP B 42 10.18 10.45 3.41
CA ASP B 42 8.86 10.51 2.80
C ASP B 42 8.23 9.13 2.63
N LEU B 43 8.93 8.05 2.98
CA LEU B 43 8.36 6.71 2.95
C LEU B 43 7.46 6.44 4.15
N MET B 44 6.20 6.11 4.00
CA MET B 44 5.32 5.79 5.12
C MET B 44 4.71 4.40 4.95
N LEU B 45 4.83 3.54 5.97
CA LEU B 45 4.22 2.22 5.96
C LEU B 45 3.33 2.07 7.20
N GLU B 46 2.14 1.52 7.02
CA GLU B 46 1.19 1.28 8.10
C GLU B 46 0.97 -0.21 8.24
N PHE B 47 0.92 -0.72 9.46
CA PHE B 47 0.84 -2.13 9.75
C PHE B 47 -0.40 -2.39 10.61
N PHE B 48 -1.12 -3.45 10.32
CA PHE B 48 -2.24 -3.86 11.19
C PHE B 48 -1.83 -5.16 11.87
N ALA B 49 -2.29 -5.33 13.11
CA ALA B 49 -1.96 -6.56 13.85
C ALA B 49 -2.62 -7.75 13.17
N HIS B 50 -1.86 -8.78 12.81
CA HIS B 50 -2.45 -9.94 12.14
C HIS B 50 -1.74 -11.20 12.61
N PRO B 51 -2.01 -11.56 13.86
CA PRO B 51 -1.34 -12.70 14.51
C PRO B 51 -1.54 -14.00 13.74
N GLY B 52 -2.69 -14.19 13.13
CA GLY B 52 -3.01 -15.39 12.38
C GLY B 52 -2.46 -15.45 10.97
N LEU B 53 -1.62 -14.51 10.55
CA LEU B 53 -1.11 -14.54 9.19
C LEU B 53 -0.36 -15.84 8.88
N ASP B 54 -0.52 -16.30 7.66
CA ASP B 54 0.22 -17.38 7.05
C ASP B 54 1.15 -16.80 5.98
N PRO B 55 2.40 -16.54 6.31
CA PRO B 55 3.29 -15.88 5.34
C PRO B 55 3.36 -16.62 4.02
N LEU B 56 3.29 -17.96 4.01
CA LEU B 56 3.48 -18.66 2.73
C LEU B 56 2.26 -18.44 1.84
N ALA B 57 1.09 -18.19 2.43
CA ALA B 57 -0.08 -17.92 1.59
C ALA B 57 -0.31 -16.44 1.37
N SER B 58 0.68 -15.60 1.58
CA SER B 58 0.42 -14.16 1.59
C SER B 58 0.69 -13.54 0.22
N TRP B 59 -0.27 -12.73 -0.20
CA TRP B 59 -0.14 -11.90 -1.37
C TRP B 59 0.15 -10.46 -0.95
N PHE B 60 0.64 -10.20 0.28
CA PHE B 60 0.85 -8.79 0.58
C PHE B 60 2.18 -8.30 -0.01
N SER B 61 2.13 -7.08 -0.53
CA SER B 61 3.30 -6.45 -1.11
C SER B 61 3.08 -4.95 -1.27
N CYS B 62 4.16 -4.20 -1.46
CA CYS B 62 4.03 -2.78 -1.77
C CYS B 62 5.25 -2.40 -2.61
N CYS B 63 5.25 -1.20 -3.15
CA CYS B 63 6.46 -0.71 -3.81
C CYS B 63 7.13 0.39 -3.00
N LEU B 64 8.46 0.37 -2.92
CA LEU B 64 9.26 1.50 -2.49
C LEU B 64 9.98 2.03 -3.74
N ARG B 65 9.49 3.19 -4.16
CA ARG B 65 10.06 3.93 -5.30
C ARG B 65 11.05 4.94 -4.74
N LEU B 66 12.33 4.68 -4.95
CA LEU B 66 13.47 5.29 -4.29
C LEU B 66 14.34 6.14 -5.19
N ASP B 67 14.81 7.28 -4.67
CA ASP B 67 15.66 8.12 -5.52
C ASP B 67 17.05 7.50 -5.64
N ASP B 68 17.40 6.77 -4.60
CA ASP B 68 18.67 6.06 -4.51
C ASP B 68 18.50 4.63 -4.05
N LEU B 69 18.21 3.74 -5.00
CA LEU B 69 18.00 2.34 -4.64
C LEU B 69 19.28 1.71 -4.12
N ALA B 70 20.44 2.06 -4.68
CA ALA B 70 21.69 1.45 -4.23
C ALA B 70 22.01 1.78 -2.78
N GLU B 71 21.78 3.02 -2.31
CA GLU B 71 22.01 3.31 -0.91
C GLU B 71 21.18 2.38 -0.02
N PHE B 72 19.87 2.36 -0.28
CA PHE B 72 18.95 1.55 0.50
C PHE B 72 19.39 0.10 0.46
N TYR B 73 19.76 -0.36 -0.74
CA TYR B 73 20.12 -1.77 -0.86
C TYR B 73 21.38 -2.07 -0.06
N ARG B 74 22.32 -1.15 -0.15
CA ARG B 74 23.54 -1.22 0.64
C ARG B 74 23.22 -1.34 2.13
N GLN B 75 22.32 -0.50 2.58
CA GLN B 75 21.88 -0.48 3.98
C GLN B 75 21.32 -1.83 4.39
N CYS B 76 20.46 -2.46 3.60
CA CYS B 76 19.95 -3.77 3.94
C CYS B 76 21.06 -4.79 4.14
N LYS B 77 22.05 -4.73 3.24
CA LYS B 77 23.12 -5.75 3.37
C LYS B 77 24.00 -5.45 4.57
N SER B 78 24.24 -4.18 4.87
CA SER B 78 25.13 -3.93 6.00
C SER B 78 24.50 -4.32 7.32
N VAL B 79 23.17 -4.27 7.45
CA VAL B 79 22.62 -4.68 8.74
C VAL B 79 22.44 -6.20 8.78
N GLY B 80 22.84 -6.90 7.72
CA GLY B 80 22.90 -8.35 7.82
C GLY B 80 21.76 -9.11 7.21
N ILE B 81 20.89 -8.44 6.47
CA ILE B 81 19.85 -9.22 5.77
C ILE B 81 20.52 -10.01 4.65
N GLN B 82 20.18 -11.28 4.51
CA GLN B 82 20.98 -12.08 3.59
C GLN B 82 20.40 -12.12 2.18
N GLU B 83 21.33 -12.07 1.23
CA GLU B 83 21.00 -12.17 -0.18
C GLU B 83 20.71 -13.63 -0.50
N THR B 84 19.43 -14.01 -0.46
CA THR B 84 19.22 -15.44 -0.69
C THR B 84 17.82 -15.67 -1.25
N SER B 85 17.60 -16.92 -1.66
CA SER B 85 16.30 -17.22 -2.23
C SER B 85 15.47 -17.86 -1.12
N SER B 86 16.21 -18.27 -0.08
CA SER B 86 15.59 -19.09 0.95
C SER B 86 15.24 -18.36 2.24
N GLY B 87 14.06 -18.63 2.79
CA GLY B 87 13.57 -18.16 4.06
C GLY B 87 13.27 -16.68 4.08
N TYR B 88 12.79 -16.17 5.22
CA TYR B 88 12.62 -14.73 5.34
C TYR B 88 13.10 -14.31 6.74
N PRO B 89 13.56 -13.08 6.90
CA PRO B 89 13.64 -12.07 5.82
C PRO B 89 14.80 -12.31 4.86
N ARG B 90 14.72 -11.70 3.68
CA ARG B 90 15.82 -11.86 2.71
C ARG B 90 15.82 -10.72 1.71
N ILE B 91 16.88 -10.57 0.92
CA ILE B 91 16.87 -9.60 -0.16
C ILE B 91 17.31 -10.25 -1.48
N HIS B 92 16.86 -9.68 -2.58
CA HIS B 92 17.19 -10.03 -3.95
C HIS B 92 17.80 -8.82 -4.65
N ALA B 93 19.00 -8.98 -5.22
CA ALA B 93 19.79 -7.88 -5.76
C ALA B 93 19.10 -7.16 -6.90
N PRO B 94 19.51 -5.92 -7.15
CA PRO B 94 18.94 -5.13 -8.25
C PRO B 94 19.19 -5.78 -9.62
N GLU B 95 18.12 -5.97 -10.38
CA GLU B 95 18.05 -6.53 -11.70
C GLU B 95 17.33 -5.63 -12.70
N LEU B 96 17.93 -5.51 -13.89
CA LEU B 96 17.34 -4.75 -14.99
C LEU B 96 15.98 -5.36 -15.30
N GLN B 97 14.93 -4.54 -15.33
CA GLN B 97 13.63 -5.14 -15.61
C GLN B 97 13.21 -4.86 -17.06
N GLY B 98 12.22 -5.63 -17.51
CA GLY B 98 11.59 -5.29 -18.78
C GLY B 98 10.69 -4.08 -18.56
N TRP B 99 11.27 -2.90 -18.67
CA TRP B 99 10.68 -1.56 -18.66
C TRP B 99 11.81 -0.54 -18.47
N GLY B 100 13.03 -1.00 -18.69
CA GLY B 100 14.23 -0.18 -18.66
C GLY B 100 14.70 0.21 -17.28
N GLY B 101 14.09 -0.30 -16.21
CA GLY B 101 14.57 0.10 -14.90
C GLY B 101 15.10 -0.99 -14.01
N THR B 102 15.69 -0.58 -12.88
CA THR B 102 16.29 -1.55 -11.95
C THR B 102 15.40 -1.71 -10.72
N MET B 103 15.32 -2.94 -10.27
CA MET B 103 14.44 -3.33 -9.18
C MET B 103 15.04 -4.45 -8.34
N ALA B 104 15.02 -4.29 -7.04
CA ALA B 104 15.43 -5.31 -6.09
C ALA B 104 14.23 -5.76 -5.27
N ALA B 105 14.40 -6.70 -4.35
CA ALA B 105 13.23 -7.09 -3.58
C ALA B 105 13.66 -7.31 -2.12
N LEU B 106 12.85 -6.85 -1.18
CA LEU B 106 13.06 -7.14 0.24
C LEU B 106 11.87 -7.95 0.72
N VAL B 107 12.11 -9.01 1.47
CA VAL B 107 11.03 -9.81 2.04
C VAL B 107 11.18 -9.69 3.56
N ASP B 108 10.14 -9.20 4.24
CA ASP B 108 10.29 -8.82 5.66
C ASP B 108 10.05 -10.02 6.56
N PRO B 109 10.14 -9.95 7.88
CA PRO B 109 9.88 -11.15 8.71
C PRO B 109 8.48 -11.72 8.61
N ASP B 110 7.51 -11.06 8.01
CA ASP B 110 6.17 -11.64 7.93
C ASP B 110 5.91 -12.11 6.49
N GLY B 111 6.95 -12.14 5.68
CA GLY B 111 6.85 -12.67 4.34
C GLY B 111 6.28 -11.68 3.35
N THR B 112 6.27 -10.42 3.76
CA THR B 112 5.70 -9.36 2.91
C THR B 112 6.74 -8.96 1.88
N LEU B 113 6.34 -8.80 0.62
CA LEU B 113 7.30 -8.41 -0.41
C LEU B 113 7.31 -6.91 -0.60
N LEU B 114 8.48 -6.30 -0.45
CA LEU B 114 8.66 -4.89 -0.75
C LEU B 114 9.48 -4.84 -2.04
N ARG B 115 8.84 -4.40 -3.13
CA ARG B 115 9.58 -4.21 -4.38
C ARG B 115 10.35 -2.91 -4.30
N LEU B 116 11.65 -2.98 -4.46
CA LEU B 116 12.53 -1.81 -4.39
C LEU B 116 12.81 -1.33 -5.82
N ILE B 117 12.38 -0.14 -6.19
CA ILE B 117 12.48 0.29 -7.59
C ILE B 117 13.23 1.60 -7.69
N GLN B 118 14.17 1.69 -8.64
CA GLN B 118 14.90 2.96 -8.80
C GLN B 118 14.05 3.96 -9.57
N ASN B 119 13.86 5.14 -9.00
CA ASN B 119 13.13 6.20 -9.66
C ASN B 119 13.86 6.62 -10.93
N GLU B 120 13.09 6.86 -11.99
CA GLU B 120 13.68 7.38 -13.23
C GLU B 120 14.29 8.75 -12.95
N LEU B 121 15.61 8.87 -12.88
CA LEU B 121 16.25 10.11 -12.46
C LEU B 121 16.28 11.20 -13.52
CA CA C . -12.96 5.53 -19.94
O1 PG4 D . 0.13 10.04 10.66
C1 PG4 D . -0.40 10.39 11.91
C2 PG4 D . -1.08 9.16 12.53
O2 PG4 D . -2.46 9.28 12.28
C3 PG4 D . -3.27 8.44 13.06
C4 PG4 D . -3.88 7.39 12.11
O3 PG4 D . -4.38 6.36 12.93
C5 PG4 D . -4.52 5.12 12.28
C6 PG4 D . -5.79 5.18 11.41
O4 PG4 D . -5.85 3.97 10.69
C7 PG4 D . -7.15 3.42 10.58
C8 PG4 D . -7.17 2.19 11.48
O5 PG4 D . -8.52 1.80 11.66
O1 PG4 E . 5.66 5.72 -12.31
C1 PG4 E . 6.46 5.23 -13.35
C2 PG4 E . 5.87 3.96 -13.97
O2 PG4 E . 6.78 2.90 -13.82
C3 PG4 E . 6.45 1.77 -14.62
C4 PG4 E . 7.20 0.54 -14.09
O3 PG4 E . 6.26 -0.49 -13.85
C5 PG4 E . 6.27 -0.94 -12.51
C6 PG4 E . 6.08 -2.46 -12.49
O4 PG4 E . 6.64 -2.94 -11.28
C7 PG4 E . 6.01 -4.09 -10.78
C8 PG4 E . 6.99 -5.25 -10.92
O5 PG4 E . 6.27 -6.41 -11.25
#